data_7JYR
#
_entry.id   7JYR
#
_cell.length_a   51.604
_cell.length_b   56.89
_cell.length_c   103.403
_cell.angle_alpha   90
_cell.angle_beta   90
_cell.angle_gamma   90
#
_symmetry.space_group_name_H-M   'P 21 21 21'
#
loop_
_entity.id
_entity.type
_entity.pdbx_description
1 polymer 'ALK tyrosine kinase receptor'
2 non-polymer 4-{[(1R,2R)-2-(2,4-difluorophenyl)cyclopropyl]oxy}-3-(5-methyl-1H-pyrazol-3-yl)benzonitrile
3 non-polymer 1,2-ETHANEDIOL
4 water water
#
_entity_poly.entity_id   1
_entity_poly.type   'polypeptide(L)'
_entity_poly.pdbx_seq_one_letter_code
;GAMGSTDYNPNYCFAGKTSSISDLKEVPRKNITLIRGLGHGAFGEVYEGQVSGMPNDPSPLQVAVKTLPEVCSEQDELDF
LMEALIISKFNHQNIVRCIGVSLQSLPRFILLELMAGGDLKSFLRETRPRPSQPSSLAMLDLLHVARDIACGCQYLEENH
FIHRDIAARNCLLTCPGPGRVAKIGDFGMARDIYRASYYRKGGCAMLPVKWMPPEAFMEGIFTSKTDTWSFGVLLWEIFS
LGYMPYPSKSNQEVLEFVTSGGRMDPPKNCPGPVYRIMTQCWQHQPEDRPNFAIILERIEYCTQDPDVINTALPIEYGPL
VE
;
_entity_poly.pdbx_strand_id   A
#
# COMPACT_ATOMS: atom_id res chain seq x y z
N ASN A 11 16.34 -17.44 5.28
CA ASN A 11 14.96 -17.84 5.55
C ASN A 11 14.06 -16.63 5.77
N TYR A 12 12.76 -16.90 5.78
CA TYR A 12 11.74 -15.93 6.14
C TYR A 12 10.62 -16.64 6.88
N CYS A 13 10.04 -15.94 7.87
CA CYS A 13 9.04 -16.52 8.75
C CYS A 13 7.79 -15.66 8.75
N PHE A 14 6.63 -16.32 8.82
CA PHE A 14 5.36 -15.62 8.87
C PHE A 14 4.26 -16.62 9.24
N ALA A 15 3.38 -16.21 10.14
CA ALA A 15 2.23 -17.01 10.53
C ALA A 15 2.65 -18.34 11.17
N GLY A 16 3.77 -18.33 11.89
CA GLY A 16 4.27 -19.50 12.57
C GLY A 16 5.11 -20.43 11.72
N LYS A 17 5.21 -20.18 10.41
CA LYS A 17 5.93 -21.04 9.49
C LYS A 17 7.13 -20.30 8.93
N THR A 18 8.25 -21.01 8.85
CA THR A 18 9.46 -20.53 8.19
C THR A 18 9.62 -21.23 6.85
N SER A 19 10.05 -20.47 5.84
CA SER A 19 10.13 -20.99 4.48
C SER A 19 11.41 -20.51 3.82
N SER A 20 11.76 -21.16 2.70
CA SER A 20 12.94 -20.84 1.92
C SER A 20 12.56 -20.75 0.45
N ILE A 21 13.57 -20.45 -0.38
CA ILE A 21 13.36 -20.32 -1.82
C ILE A 21 12.67 -21.55 -2.39
N SER A 22 13.04 -22.71 -1.89
CA SER A 22 12.54 -23.94 -2.44
C SER A 22 11.02 -23.94 -2.50
N ASP A 23 10.38 -23.34 -1.51
CA ASP A 23 8.92 -23.37 -1.44
C ASP A 23 8.27 -22.52 -2.53
N LEU A 24 8.92 -21.45 -2.98
CA LEU A 24 8.37 -20.69 -4.09
C LEU A 24 8.24 -21.59 -5.31
N LYS A 25 7.20 -21.37 -6.11
CA LYS A 25 7.00 -22.17 -7.29
C LYS A 25 7.76 -21.54 -8.45
N GLU A 26 8.79 -22.23 -8.91
CA GLU A 26 9.62 -21.76 -10.01
C GLU A 26 8.92 -22.08 -11.32
N VAL A 27 8.71 -21.04 -12.13
CA VAL A 27 8.08 -21.19 -13.44
C VAL A 27 9.20 -21.27 -14.49
N PRO A 28 9.20 -22.30 -15.34
CA PRO A 28 10.24 -22.39 -16.38
C PRO A 28 10.27 -21.10 -17.19
N ARG A 29 11.48 -20.57 -17.40
CA ARG A 29 11.59 -19.32 -18.14
C ARG A 29 10.97 -19.43 -19.52
N LYS A 30 10.98 -20.63 -20.12
CA LYS A 30 10.42 -20.80 -21.46
C LYS A 30 8.93 -20.53 -21.49
N ASN A 31 8.24 -20.62 -20.35
CA ASN A 31 6.79 -20.42 -20.29
C ASN A 31 6.38 -18.97 -20.12
N ILE A 32 7.33 -18.04 -20.02
CA ILE A 32 7.04 -16.65 -19.65
C ILE A 32 7.28 -15.76 -20.86
N THR A 33 6.27 -14.93 -21.17
CA THR A 33 6.33 -14.00 -22.29
C THR A 33 5.98 -12.61 -21.79
N LEU A 34 6.80 -11.62 -22.15
CA LEU A 34 6.56 -10.24 -21.76
C LEU A 34 5.76 -9.53 -22.86
N ILE A 35 4.75 -8.77 -22.44
CA ILE A 35 3.83 -8.10 -23.36
C ILE A 35 4.02 -6.59 -23.36
N ARG A 36 4.18 -5.98 -22.17
CA ARG A 36 4.17 -4.54 -22.04
C ARG A 36 5.05 -4.11 -20.87
N GLY A 37 5.64 -2.93 -21.00
CA GLY A 37 6.11 -2.21 -19.83
C GLY A 37 4.94 -1.49 -19.18
N LEU A 38 4.91 -1.52 -17.85
CA LEU A 38 3.80 -0.97 -17.08
C LEU A 38 4.17 0.16 -16.14
N GLY A 39 5.45 0.41 -15.94
CA GLY A 39 5.88 1.40 -14.96
C GLY A 39 7.20 1.00 -14.35
N HIS A 40 7.76 1.94 -13.60
CA HIS A 40 9.04 1.75 -12.94
C HIS A 40 8.82 1.54 -11.45
N GLY A 41 9.89 1.56 -10.68
CA GLY A 41 9.80 1.44 -9.23
C GLY A 41 10.85 2.28 -8.55
N ALA A 42 11.35 1.79 -7.41
CA ALA A 42 12.58 2.37 -6.87
C ALA A 42 13.68 2.31 -7.91
N PHE A 43 14.04 1.11 -8.36
CA PHE A 43 14.93 0.96 -9.50
C PHE A 43 14.59 -0.20 -10.42
N GLY A 44 13.62 -1.07 -10.07
CA GLY A 44 13.25 -2.18 -10.92
C GLY A 44 12.04 -1.87 -11.80
N GLU A 45 11.74 -2.80 -12.70
CA GLU A 45 10.67 -2.66 -13.69
C GLU A 45 9.54 -3.66 -13.44
N VAL A 46 8.36 -3.32 -13.96
CA VAL A 46 7.20 -4.20 -13.94
C VAL A 46 6.65 -4.28 -15.36
N TYR A 47 6.26 -5.49 -15.77
CA TYR A 47 5.72 -5.73 -17.10
C TYR A 47 4.41 -6.51 -17.00
N GLU A 48 3.62 -6.40 -18.07
CA GLU A 48 2.51 -7.32 -18.28
C GLU A 48 3.03 -8.58 -18.94
N GLY A 49 2.53 -9.73 -18.51
CA GLY A 49 3.11 -10.99 -18.95
C GLY A 49 2.10 -12.12 -19.08
N GLN A 50 2.53 -13.15 -19.81
CA GLN A 50 1.78 -14.38 -20.00
C GLN A 50 2.53 -15.56 -19.39
N VAL A 51 1.77 -16.53 -18.89
CA VAL A 51 2.30 -17.82 -18.50
C VAL A 51 1.37 -18.88 -19.07
N SER A 52 1.91 -19.78 -19.89
CA SER A 52 1.11 -20.81 -20.53
C SER A 52 0.98 -22.04 -19.64
N PRO A 60 -3.79 -19.68 -21.03
CA PRO A 60 -2.72 -18.71 -20.85
C PRO A 60 -3.03 -17.69 -19.75
N LEU A 61 -2.16 -17.60 -18.74
CA LEU A 61 -2.43 -16.79 -17.56
C LEU A 61 -1.83 -15.40 -17.70
N GLN A 62 -2.61 -14.39 -17.31
CA GLN A 62 -2.24 -12.99 -17.39
C GLN A 62 -1.58 -12.58 -16.07
N VAL A 63 -0.32 -12.13 -16.13
CA VAL A 63 0.42 -11.81 -14.92
C VAL A 63 1.16 -10.49 -15.07
N ALA A 64 1.57 -9.96 -13.92
CA ALA A 64 2.54 -8.88 -13.82
C ALA A 64 3.89 -9.48 -13.47
N VAL A 65 4.95 -8.93 -14.06
CA VAL A 65 6.31 -9.47 -13.91
C VAL A 65 7.19 -8.35 -13.36
N LYS A 66 7.60 -8.49 -12.10
CA LYS A 66 8.59 -7.61 -11.51
C LYS A 66 9.98 -8.18 -11.80
N THR A 67 10.85 -7.35 -12.37
CA THR A 67 12.15 -7.80 -12.84
C THR A 67 13.25 -7.25 -11.95
N LEU A 68 14.27 -8.08 -11.72
CA LEU A 68 15.47 -7.67 -11.01
C LEU A 68 16.55 -7.32 -12.03
N PRO A 69 17.00 -6.07 -12.11
CA PRO A 69 18.06 -5.74 -13.08
C PRO A 69 19.27 -6.65 -12.92
N GLU A 70 19.80 -7.10 -14.05
CA GLU A 70 21.04 -7.88 -14.01
C GLU A 70 22.20 -7.03 -13.50
N VAL A 71 22.15 -5.72 -13.74
CA VAL A 71 23.13 -4.79 -13.21
C VAL A 71 22.73 -4.46 -11.77
N CYS A 72 23.12 -5.31 -10.83
CA CYS A 72 22.71 -5.15 -9.44
C CYS A 72 23.74 -5.78 -8.53
N SER A 73 23.71 -5.36 -7.27
CA SER A 73 24.64 -5.86 -6.26
C SER A 73 24.12 -7.15 -5.65
N GLU A 74 24.87 -7.69 -4.68
CA GLU A 74 24.44 -8.90 -4.00
C GLU A 74 23.39 -8.63 -2.95
N GLN A 75 23.45 -7.49 -2.24
CA GLN A 75 22.35 -7.17 -1.35
C GLN A 75 21.04 -7.08 -2.12
N ASP A 76 21.09 -6.50 -3.32
CA ASP A 76 19.91 -6.46 -4.18
C ASP A 76 19.37 -7.86 -4.44
N GLU A 77 20.26 -8.79 -4.80
CA GLU A 77 19.84 -10.16 -5.05
C GLU A 77 18.96 -10.67 -3.91
N LEU A 78 19.47 -10.60 -2.69
CA LEU A 78 18.72 -11.13 -1.55
C LEU A 78 17.48 -10.29 -1.26
N ASP A 79 17.56 -8.98 -1.46
CA ASP A 79 16.37 -8.14 -1.37
C ASP A 79 15.25 -8.69 -2.25
N PHE A 80 15.59 -9.06 -3.48
CA PHE A 80 14.59 -9.47 -4.46
C PHE A 80 13.99 -10.82 -4.08
N LEU A 81 14.84 -11.72 -3.63
CA LEU A 81 14.38 -13.02 -3.17
C LEU A 81 13.44 -12.89 -1.98
N MET A 82 13.81 -12.06 -1.01
CA MET A 82 13.01 -11.92 0.21
C MET A 82 11.62 -11.40 -0.11
N GLU A 83 11.52 -10.43 -1.02
CA GLU A 83 10.21 -9.92 -1.41
C GLU A 83 9.32 -11.05 -1.91
N ALA A 84 9.88 -12.00 -2.66
CA ALA A 84 9.11 -13.12 -3.16
C ALA A 84 8.59 -13.98 -2.01
N LEU A 85 9.46 -14.29 -1.05
CA LEU A 85 9.04 -15.09 0.09
C LEU A 85 7.94 -14.39 0.88
N ILE A 86 8.11 -13.09 1.14
CA ILE A 86 7.13 -12.34 1.92
C ILE A 86 5.76 -12.44 1.28
N ILE A 87 5.66 -12.04 0.02
CA ILE A 87 4.36 -11.97 -0.64
C ILE A 87 3.76 -13.37 -0.79
N SER A 88 4.59 -14.39 -0.89
CA SER A 88 4.07 -15.74 -1.13
C SER A 88 3.31 -16.30 0.07
N LYS A 89 3.56 -15.82 1.28
CA LYS A 89 2.94 -16.39 2.47
C LYS A 89 1.72 -15.60 2.93
N PHE A 90 1.35 -14.54 2.25
CA PHE A 90 0.06 -13.92 2.49
C PHE A 90 -1.01 -14.68 1.73
N ASN A 91 -2.18 -14.83 2.37
CA ASN A 91 -3.35 -15.45 1.75
C ASN A 91 -4.54 -14.58 2.13
N HIS A 92 -4.74 -13.51 1.36
CA HIS A 92 -5.81 -12.56 1.64
C HIS A 92 -6.18 -11.85 0.36
N GLN A 93 -7.48 -11.63 0.18
CA GLN A 93 -8.01 -11.09 -1.07
C GLN A 93 -7.62 -9.63 -1.30
N ASN A 94 -7.18 -8.92 -0.26
CA ASN A 94 -6.75 -7.54 -0.39
C ASN A 94 -5.23 -7.40 -0.37
N ILE A 95 -4.52 -8.49 -0.65
CA ILE A 95 -3.08 -8.47 -0.86
C ILE A 95 -2.79 -9.18 -2.17
N VAL A 96 -2.06 -8.53 -3.07
CA VAL A 96 -1.78 -9.12 -4.37
C VAL A 96 -1.19 -10.49 -4.20
N ARG A 97 -1.63 -11.42 -5.05
CA ARG A 97 -1.13 -12.78 -5.03
C ARG A 97 0.22 -12.87 -5.73
N CYS A 98 1.05 -13.80 -5.27
CA CYS A 98 2.30 -14.14 -5.94
C CYS A 98 2.07 -15.45 -6.69
N ILE A 99 2.30 -15.42 -8.00
CA ILE A 99 2.00 -16.57 -8.85
C ILE A 99 3.16 -17.53 -8.95
N GLY A 100 4.37 -17.09 -8.64
CA GLY A 100 5.55 -17.90 -8.77
C GLY A 100 6.75 -17.01 -8.99
N VAL A 101 7.85 -17.63 -9.41
CA VAL A 101 9.08 -16.91 -9.69
C VAL A 101 9.76 -17.57 -10.89
N SER A 102 10.71 -16.83 -11.47
CA SER A 102 11.62 -17.38 -12.47
C SER A 102 13.01 -16.85 -12.09
N LEU A 103 13.58 -17.45 -11.05
CA LEU A 103 14.85 -17.01 -10.49
C LEU A 103 16.05 -17.74 -11.07
N GLN A 104 15.84 -18.92 -11.64
CA GLN A 104 16.94 -19.73 -12.18
C GLN A 104 17.42 -19.25 -13.54
N SER A 105 16.76 -18.25 -14.12
CA SER A 105 17.21 -17.60 -15.34
C SER A 105 17.38 -16.11 -15.08
N LEU A 106 18.16 -15.46 -15.95
CA LEU A 106 18.42 -14.03 -15.81
C LEU A 106 17.80 -13.28 -16.98
N PRO A 107 17.13 -12.13 -16.74
CA PRO A 107 16.90 -11.48 -15.46
C PRO A 107 15.86 -12.19 -14.59
N ARG A 108 16.05 -12.13 -13.27
CA ARG A 108 15.18 -12.85 -12.35
C ARG A 108 13.81 -12.19 -12.27
N PHE A 109 12.76 -13.02 -12.29
CA PHE A 109 11.38 -12.56 -12.31
C PHE A 109 10.66 -12.94 -11.01
N ILE A 110 9.76 -12.06 -10.59
CA ILE A 110 8.69 -12.40 -9.65
C ILE A 110 7.36 -12.22 -10.40
N LEU A 111 6.55 -13.28 -10.41
CA LEU A 111 5.27 -13.26 -11.10
C LEU A 111 4.17 -12.92 -10.09
N LEU A 112 3.35 -11.92 -10.43
CA LEU A 112 2.38 -11.38 -9.48
C LEU A 112 1.04 -11.19 -10.16
N GLU A 113 -0.01 -11.20 -9.33
CA GLU A 113 -1.35 -10.87 -9.78
C GLU A 113 -1.37 -9.57 -10.57
N LEU A 114 -2.04 -9.58 -11.72
CA LEU A 114 -2.15 -8.39 -12.55
C LEU A 114 -3.33 -7.55 -12.08
N MET A 115 -3.09 -6.25 -11.89
CA MET A 115 -4.08 -5.31 -11.39
C MET A 115 -4.35 -4.29 -12.49
N ALA A 116 -5.38 -4.57 -13.30
CA ALA A 116 -5.65 -3.76 -14.48
C ALA A 116 -6.04 -2.33 -14.15
N GLY A 117 -6.34 -2.02 -12.88
CA GLY A 117 -6.66 -0.66 -12.50
C GLY A 117 -5.46 0.23 -12.24
N GLY A 118 -4.26 -0.33 -12.23
CA GLY A 118 -3.08 0.44 -11.93
C GLY A 118 -3.00 0.80 -10.46
N ASP A 119 -2.05 1.67 -10.14
CA ASP A 119 -1.87 2.10 -8.77
C ASP A 119 -2.98 3.08 -8.37
N LEU A 120 -3.19 3.19 -7.05
CA LEU A 120 -4.32 3.96 -6.55
C LEU A 120 -4.11 5.46 -6.71
N LYS A 121 -2.87 5.93 -6.51
CA LYS A 121 -2.61 7.36 -6.62
C LYS A 121 -2.94 7.85 -8.03
N SER A 122 -2.47 7.15 -9.05
CA SER A 122 -2.75 7.56 -10.42
C SER A 122 -4.24 7.45 -10.74
N PHE A 123 -4.86 6.33 -10.36
CA PHE A 123 -6.29 6.15 -10.60
C PHE A 123 -7.09 7.31 -10.01
N LEU A 124 -6.73 7.75 -8.80
CA LEU A 124 -7.45 8.86 -8.18
C LEU A 124 -7.25 10.15 -8.97
N ARG A 125 -6.03 10.41 -9.43
CA ARG A 125 -5.77 11.62 -10.19
C ARG A 125 -6.40 11.55 -11.58
N GLU A 126 -6.24 10.43 -12.26
CA GLU A 126 -6.82 10.26 -13.60
C GLU A 126 -8.34 10.28 -13.57
N THR A 127 -8.94 9.96 -12.43
CA THR A 127 -10.39 9.83 -12.32
C THR A 127 -11.04 11.03 -11.63
N ARG A 128 -10.24 11.99 -11.16
CA ARG A 128 -10.78 13.20 -10.54
C ARG A 128 -11.96 13.70 -11.37
N PRO A 129 -13.19 13.66 -10.83
CA PRO A 129 -14.35 14.16 -11.59
C PRO A 129 -14.07 15.46 -12.34
N ARG A 130 -14.51 15.53 -13.58
CA ARG A 130 -14.28 16.66 -14.46
C ARG A 130 -15.49 16.83 -15.37
N PRO A 131 -15.66 18.00 -16.00
CA PRO A 131 -16.70 18.19 -17.02
C PRO A 131 -16.79 17.01 -17.98
N SER A 136 -18.93 9.97 -12.33
CA SER A 136 -17.84 9.00 -12.50
C SER A 136 -17.53 8.30 -11.18
N LEU A 137 -16.88 9.00 -10.25
CA LEU A 137 -16.67 8.50 -8.90
C LEU A 137 -17.72 9.07 -7.95
N ALA A 138 -17.91 8.37 -6.84
CA ALA A 138 -18.76 8.83 -5.76
C ALA A 138 -18.06 8.55 -4.44
N MET A 139 -18.60 9.14 -3.37
CA MET A 139 -18.00 8.96 -2.05
C MET A 139 -17.94 7.48 -1.69
N LEU A 140 -18.97 6.71 -2.05
CA LEU A 140 -19.00 5.29 -1.68
C LEU A 140 -17.86 4.51 -2.30
N ASP A 141 -17.45 4.87 -3.52
CA ASP A 141 -16.32 4.17 -4.14
C ASP A 141 -15.04 4.41 -3.36
N LEU A 142 -14.86 5.61 -2.81
CA LEU A 142 -13.68 5.90 -2.01
C LEU A 142 -13.68 5.11 -0.72
N LEU A 143 -14.86 4.94 -0.11
CA LEU A 143 -14.95 4.18 1.14
C LEU A 143 -14.62 2.72 0.91
N HIS A 144 -15.04 2.15 -0.22
CA HIS A 144 -14.75 0.76 -0.52
C HIS A 144 -13.25 0.53 -0.70
N VAL A 145 -12.58 1.47 -1.37
CA VAL A 145 -11.12 1.40 -1.46
C VAL A 145 -10.50 1.48 -0.08
N ALA A 146 -10.99 2.40 0.76
CA ALA A 146 -10.49 2.51 2.12
C ALA A 146 -10.77 1.23 2.90
N ARG A 147 -12.00 0.70 2.79
CA ARG A 147 -12.32 -0.55 3.45
C ARG A 147 -11.42 -1.68 2.96
N ASP A 148 -11.20 -1.76 1.64
CA ASP A 148 -10.36 -2.82 1.09
C ASP A 148 -8.97 -2.80 1.73
N ILE A 149 -8.31 -1.64 1.72
CA ILE A 149 -6.97 -1.55 2.26
C ILE A 149 -6.97 -1.77 3.77
N ALA A 150 -7.99 -1.25 4.46
CA ALA A 150 -8.11 -1.52 5.89
C ALA A 150 -8.24 -3.02 6.16
N CYS A 151 -8.93 -3.75 5.28
CA CYS A 151 -9.07 -5.19 5.48
CA CYS A 151 -9.07 -5.19 5.46
C CYS A 151 -7.73 -5.90 5.36
N GLY A 152 -6.93 -5.53 4.37
CA GLY A 152 -5.61 -6.12 4.24
C GLY A 152 -4.71 -5.79 5.42
N CYS A 153 -4.72 -4.52 5.84
CA CYS A 153 -3.92 -4.13 7.00
C CYS A 153 -4.32 -4.91 8.24
N GLN A 154 -5.62 -5.16 8.41
CA GLN A 154 -6.07 -5.97 9.55
C GLN A 154 -5.49 -7.37 9.46
N TYR A 155 -5.51 -7.97 8.26
CA TYR A 155 -4.91 -9.29 8.09
C TYR A 155 -3.43 -9.26 8.43
N LEU A 156 -2.74 -8.17 8.08
CA LEU A 156 -1.32 -8.06 8.41
C LEU A 156 -1.12 -7.92 9.92
N GLU A 157 -1.89 -7.03 10.55
CA GLU A 157 -1.78 -6.87 12.00
C GLU A 157 -2.11 -8.18 12.72
N GLU A 158 -3.21 -8.83 12.32
CA GLU A 158 -3.57 -10.10 12.94
C GLU A 158 -2.44 -11.11 12.86
N ASN A 159 -1.64 -11.06 11.79
CA ASN A 159 -0.49 -11.94 11.62
C ASN A 159 0.81 -11.27 12.02
N HIS A 160 0.75 -10.12 12.70
CA HIS A 160 1.92 -9.50 13.30
C HIS A 160 2.92 -9.04 12.24
N PHE A 161 2.44 -8.71 11.05
CA PHE A 161 3.27 -8.14 9.99
C PHE A 161 3.07 -6.63 9.97
N ILE A 162 4.17 -5.89 10.01
CA ILE A 162 4.16 -4.44 9.96
C ILE A 162 4.62 -4.02 8.57
N HIS A 163 3.73 -3.35 7.83
CA HIS A 163 4.01 -3.07 6.43
C HIS A 163 5.06 -1.97 6.27
N ARG A 164 4.97 -0.91 7.08
CA ARG A 164 5.91 0.20 7.18
C ARG A 164 5.71 1.27 6.10
N ASP A 165 4.95 1.00 5.04
CA ASP A 165 4.88 1.93 3.91
C ASP A 165 3.48 1.96 3.31
N ILE A 166 2.47 1.98 4.16
CA ILE A 166 1.09 2.12 3.69
C ILE A 166 0.95 3.49 3.04
N ALA A 167 0.61 3.50 1.75
CA ALA A 167 0.50 4.73 0.98
C ALA A 167 -0.17 4.41 -0.34
N ALA A 168 -0.84 5.42 -0.91
CA ALA A 168 -1.61 5.19 -2.12
C ALA A 168 -0.74 4.67 -3.27
N ARG A 169 0.52 5.09 -3.34
CA ARG A 169 1.39 4.63 -4.40
C ARG A 169 1.64 3.13 -4.34
N ASN A 170 1.46 2.52 -3.17
CA ASN A 170 1.72 1.10 -2.97
C ASN A 170 0.45 0.26 -2.99
N CYS A 171 -0.68 0.82 -3.44
CA CYS A 171 -1.92 0.09 -3.56
C CYS A 171 -2.30 -0.03 -5.04
N LEU A 172 -2.97 -1.14 -5.38
CA LEU A 172 -3.35 -1.42 -6.74
C LEU A 172 -4.85 -1.73 -6.80
N LEU A 173 -5.41 -1.63 -8.01
CA LEU A 173 -6.82 -1.88 -8.25
C LEU A 173 -6.98 -2.97 -9.31
N THR A 174 -7.93 -3.87 -9.08
CA THR A 174 -8.15 -4.96 -10.04
C THR A 174 -8.61 -4.42 -11.39
N CYS A 175 -9.49 -3.43 -11.37
CA CYS A 175 -10.04 -2.84 -12.58
C CYS A 175 -10.40 -1.39 -12.28
N PRO A 176 -10.40 -0.52 -13.29
CA PRO A 176 -10.74 0.89 -13.04
C PRO A 176 -12.23 1.11 -12.83
N GLY A 177 -13.06 0.24 -13.39
CA GLY A 177 -14.49 0.44 -13.41
C GLY A 177 -15.19 -0.04 -12.14
N PRO A 178 -16.52 -0.07 -12.18
CA PRO A 178 -17.27 -0.52 -11.00
C PRO A 178 -16.86 -1.94 -10.61
N GLY A 179 -16.96 -2.23 -9.32
CA GLY A 179 -16.55 -3.52 -8.82
C GLY A 179 -15.06 -3.66 -8.61
N ARG A 180 -14.30 -2.57 -8.69
CA ARG A 180 -12.87 -2.63 -8.41
C ARG A 180 -12.64 -3.12 -6.99
N VAL A 181 -11.52 -3.81 -6.80
CA VAL A 181 -11.04 -4.20 -5.48
C VAL A 181 -9.63 -3.65 -5.31
N ALA A 182 -9.39 -2.94 -4.22
CA ALA A 182 -8.07 -2.41 -3.92
C ALA A 182 -7.30 -3.41 -3.07
N LYS A 183 -5.99 -3.50 -3.31
CA LYS A 183 -5.14 -4.44 -2.61
C LYS A 183 -3.77 -3.82 -2.38
N ILE A 184 -3.13 -4.23 -1.30
CA ILE A 184 -1.76 -3.81 -1.02
C ILE A 184 -0.83 -4.52 -2.00
N GLY A 185 -0.06 -3.74 -2.76
CA GLY A 185 0.65 -4.28 -3.89
C GLY A 185 2.17 -4.23 -3.85
N ASP A 186 2.74 -3.66 -2.79
CA ASP A 186 4.19 -3.52 -2.70
C ASP A 186 4.64 -3.71 -1.25
N PHE A 187 5.75 -4.43 -1.09
CA PHE A 187 6.30 -4.74 0.23
C PHE A 187 7.80 -4.48 0.26
N GLY A 188 8.28 -3.49 -0.50
CA GLY A 188 9.70 -3.22 -0.53
C GLY A 188 10.23 -2.72 0.81
N MET A 189 9.43 -1.92 1.51
CA MET A 189 9.89 -1.36 2.78
C MET A 189 10.07 -2.44 3.83
N ALA A 190 9.04 -3.27 4.04
CA ALA A 190 9.14 -4.34 5.02
C ALA A 190 10.29 -5.29 4.70
N ARG A 191 10.64 -5.42 3.42
CA ARG A 191 11.75 -6.28 3.04
C ARG A 191 13.10 -5.62 3.37
N ASP A 192 13.18 -4.29 3.20
CA ASP A 192 14.44 -3.62 3.48
C ASP A 192 14.84 -3.74 4.95
N ILE A 193 13.86 -3.81 5.85
CA ILE A 193 14.12 -3.91 7.28
C ILE A 193 14.09 -5.36 7.76
N TYR A 194 14.00 -6.31 6.84
CA TYR A 194 14.01 -7.73 7.20
C TYR A 194 15.26 -8.41 6.64
N GLY A 202 17.06 3.41 3.08
CA GLY A 202 18.25 3.72 2.31
C GLY A 202 18.88 5.05 2.70
N GLY A 203 18.09 5.92 3.32
CA GLY A 203 18.59 7.21 3.74
C GLY A 203 17.46 8.08 4.24
N CYS A 204 17.86 9.28 4.70
CA CYS A 204 16.90 10.21 5.28
CA CYS A 204 16.90 10.21 5.28
C CYS A 204 16.03 10.85 4.22
N ALA A 205 16.64 11.31 3.12
CA ALA A 205 15.86 11.93 2.05
C ALA A 205 14.95 10.94 1.34
N MET A 206 15.09 9.64 1.61
CA MET A 206 14.27 8.60 1.00
C MET A 206 13.20 8.06 1.94
N LEU A 207 13.19 8.50 3.20
CA LEU A 207 12.20 7.99 4.15
C LEU A 207 10.82 8.58 3.84
N PRO A 208 9.76 7.77 3.92
CA PRO A 208 8.41 8.33 3.73
C PRO A 208 7.95 9.13 4.94
N VAL A 209 8.62 10.25 5.17
CA VAL A 209 8.40 11.05 6.38
C VAL A 209 6.96 11.50 6.48
N LYS A 210 6.31 11.79 5.35
CA LYS A 210 4.95 12.32 5.39
C LYS A 210 3.91 11.26 5.75
N TRP A 211 4.28 9.99 5.81
CA TRP A 211 3.37 8.91 6.20
C TRP A 211 3.72 8.31 7.55
N MET A 212 4.70 8.88 8.29
CA MET A 212 5.22 8.24 9.48
C MET A 212 4.81 8.97 10.75
N PRO A 213 4.56 8.25 11.85
CA PRO A 213 4.21 8.90 13.11
C PRO A 213 5.46 9.41 13.82
N PRO A 214 5.29 10.21 14.88
CA PRO A 214 6.47 10.77 15.56
C PRO A 214 7.45 9.73 16.05
N GLU A 215 6.99 8.75 16.84
CA GLU A 215 7.90 7.76 17.38
C GLU A 215 8.68 7.02 16.29
N ALA A 216 8.17 7.00 15.07
CA ALA A 216 8.85 6.32 13.98
C ALA A 216 10.05 7.12 13.49
N PHE A 217 9.83 8.37 13.05
CA PHE A 217 10.93 9.15 12.52
C PHE A 217 11.77 9.83 13.59
N MET A 218 11.33 9.77 14.86
N MET A 218 11.35 9.77 14.86
CA MET A 218 12.14 10.28 15.97
CA MET A 218 12.15 10.28 15.97
C MET A 218 12.98 9.17 16.61
C MET A 218 12.97 9.18 16.63
N GLU A 219 12.34 8.02 16.91
CA GLU A 219 12.99 6.94 17.60
C GLU A 219 13.24 5.71 16.74
N GLY A 220 12.68 5.66 15.53
CA GLY A 220 12.78 4.45 14.75
C GLY A 220 11.97 3.29 15.28
N ILE A 221 10.93 3.57 16.05
CA ILE A 221 10.04 2.54 16.60
C ILE A 221 8.96 2.25 15.59
N PHE A 222 8.67 0.98 15.35
CA PHE A 222 7.66 0.56 14.39
C PHE A 222 6.79 -0.52 15.00
N THR A 223 5.47 -0.33 14.88
CA THR A 223 4.49 -1.28 15.39
C THR A 223 3.29 -1.28 14.46
N SER A 224 2.27 -2.05 14.82
CA SER A 224 1.02 -2.00 14.07
C SER A 224 0.38 -0.62 14.15
N LYS A 225 0.64 0.11 15.24
CA LYS A 225 0.14 1.48 15.35
C LYS A 225 0.90 2.43 14.43
N THR A 226 2.06 2.03 13.93
CA THR A 226 2.71 2.80 12.88
C THR A 226 1.92 2.71 11.58
N ASP A 227 1.52 1.48 11.21
CA ASP A 227 0.67 1.33 10.03
C ASP A 227 -0.65 2.06 10.20
N THR A 228 -1.18 2.09 11.43
CA THR A 228 -2.41 2.83 11.68
C THR A 228 -2.25 4.30 11.29
N TRP A 229 -1.18 4.94 11.75
CA TRP A 229 -0.92 6.32 11.38
C TRP A 229 -0.84 6.46 9.86
N SER A 230 -0.08 5.57 9.22
CA SER A 230 0.08 5.65 7.78
C SER A 230 -1.26 5.51 7.06
N PHE A 231 -2.12 4.62 7.54
CA PHE A 231 -3.43 4.44 6.90
C PHE A 231 -4.24 5.72 6.96
N GLY A 232 -4.17 6.46 8.07
CA GLY A 232 -4.85 7.73 8.14
C GLY A 232 -4.39 8.69 7.07
N VAL A 233 -3.09 8.69 6.76
CA VAL A 233 -2.58 9.52 5.68
C VAL A 233 -3.07 9.00 4.34
N LEU A 234 -3.02 7.68 4.14
CA LEU A 234 -3.61 7.09 2.94
C LEU A 234 -5.06 7.52 2.81
N LEU A 235 -5.80 7.50 3.92
CA LEU A 235 -7.19 7.92 3.90
C LEU A 235 -7.34 9.35 3.41
N TRP A 236 -6.41 10.23 3.83
CA TRP A 236 -6.40 11.59 3.32
C TRP A 236 -6.08 11.63 1.83
N GLU A 237 -5.12 10.81 1.40
CA GLU A 237 -4.84 10.70 -0.03
C GLU A 237 -6.09 10.30 -0.81
N ILE A 238 -6.83 9.32 -0.30
CA ILE A 238 -8.00 8.82 -1.01
C ILE A 238 -9.04 9.91 -1.18
N PHE A 239 -9.34 10.62 -0.08
CA PHE A 239 -10.45 11.57 -0.09
C PHE A 239 -10.03 12.97 -0.52
N SER A 240 -8.73 13.22 -0.68
CA SER A 240 -8.28 14.36 -1.46
C SER A 240 -8.24 14.06 -2.95
N LEU A 241 -8.41 12.79 -3.33
CA LEU A 241 -8.41 12.35 -4.73
C LEU A 241 -7.00 12.43 -5.34
N GLY A 242 -6.00 11.99 -4.58
CA GLY A 242 -4.66 11.82 -5.09
C GLY A 242 -3.68 12.95 -4.82
N TYR A 243 -4.02 13.87 -3.92
CA TYR A 243 -3.08 14.94 -3.59
C TYR A 243 -1.90 14.40 -2.79
N MET A 244 -0.79 15.10 -2.89
CA MET A 244 0.35 14.83 -2.02
C MET A 244 0.04 15.30 -0.61
N PRO A 245 0.30 14.48 0.42
CA PRO A 245 0.03 14.94 1.79
C PRO A 245 0.86 16.16 2.16
N TYR A 246 0.33 16.94 3.11
CA TYR A 246 0.95 18.20 3.51
C TYR A 246 1.39 18.93 2.26
N PRO A 247 0.45 19.35 1.41
CA PRO A 247 0.79 19.73 0.04
C PRO A 247 1.98 20.68 -0.10
N SER A 248 1.95 21.82 0.57
CA SER A 248 2.96 22.85 0.38
C SER A 248 4.16 22.72 1.32
N LYS A 249 4.22 21.65 2.11
CA LYS A 249 5.29 21.47 3.08
C LYS A 249 6.34 20.49 2.58
N SER A 250 7.56 20.68 3.04
CA SER A 250 8.65 19.76 2.78
C SER A 250 8.73 18.71 3.88
N ASN A 251 9.62 17.74 3.69
CA ASN A 251 9.74 16.65 4.67
C ASN A 251 10.07 17.19 6.05
N GLN A 252 11.09 18.04 6.16
CA GLN A 252 11.46 18.57 7.47
C GLN A 252 10.34 19.42 8.06
N GLU A 253 9.68 20.23 7.23
CA GLU A 253 8.59 21.05 7.73
C GLU A 253 7.46 20.19 8.30
N VAL A 254 7.21 19.03 7.68
CA VAL A 254 6.20 18.11 8.20
C VAL A 254 6.66 17.52 9.52
N LEU A 255 7.95 17.20 9.62
CA LEU A 255 8.48 16.60 10.85
C LEU A 255 8.29 17.54 12.04
N GLU A 256 8.62 18.83 11.86
CA GLU A 256 8.42 19.80 12.93
C GLU A 256 6.94 20.08 13.14
N PHE A 257 6.17 20.14 12.05
CA PHE A 257 4.73 20.35 12.15
C PHE A 257 4.06 19.24 12.96
N VAL A 258 4.37 17.98 12.64
CA VAL A 258 3.68 16.86 13.26
C VAL A 258 4.11 16.70 14.72
N THR A 259 5.42 16.77 14.98
CA THR A 259 5.89 16.60 16.35
C THR A 259 5.31 17.68 17.27
N SER A 260 5.04 18.87 16.74
CA SER A 260 4.45 19.95 17.51
C SER A 260 2.95 19.78 17.71
N GLY A 261 2.35 18.73 17.15
CA GLY A 261 0.92 18.51 17.26
C GLY A 261 0.12 18.92 16.04
N GLY A 262 0.77 19.43 14.99
CA GLY A 262 0.04 19.84 13.82
C GLY A 262 -0.46 18.65 13.01
N ARG A 263 -1.64 18.83 12.40
CA ARG A 263 -2.26 17.80 11.59
C ARG A 263 -2.88 18.45 10.35
N MET A 264 -3.07 17.64 9.32
CA MET A 264 -3.65 18.14 8.07
C MET A 264 -5.11 18.54 8.28
N ASP A 265 -5.55 19.49 7.45
CA ASP A 265 -6.96 19.83 7.40
C ASP A 265 -7.72 18.78 6.58
N PRO A 266 -9.03 18.74 6.69
CA PRO A 266 -9.80 17.77 5.91
C PRO A 266 -9.59 18.00 4.44
N PRO A 267 -9.61 16.94 3.62
CA PRO A 267 -9.68 17.14 2.17
C PRO A 267 -10.95 17.88 1.80
N LYS A 268 -10.90 18.55 0.65
CA LYS A 268 -12.06 19.31 0.19
C LYS A 268 -13.29 18.41 0.15
N ASN A 269 -14.37 18.86 0.81
CA ASN A 269 -15.66 18.18 0.86
C ASN A 269 -15.65 16.92 1.72
N CYS A 270 -14.56 16.65 2.43
CA CYS A 270 -14.47 15.40 3.19
C CYS A 270 -15.54 15.38 4.29
N PRO A 271 -16.37 14.34 4.37
CA PRO A 271 -17.34 14.26 5.45
C PRO A 271 -16.67 14.14 6.81
N GLY A 272 -17.29 14.74 7.82
CA GLY A 272 -16.77 14.74 9.17
C GLY A 272 -16.43 13.35 9.69
N PRO A 273 -17.38 12.42 9.58
CA PRO A 273 -17.09 11.04 10.05
C PRO A 273 -15.84 10.45 9.43
N VAL A 274 -15.52 10.81 8.19
CA VAL A 274 -14.32 10.29 7.55
C VAL A 274 -13.09 11.01 8.09
N TYR A 275 -13.14 12.34 8.15
CA TYR A 275 -12.03 13.09 8.74
C TYR A 275 -11.79 12.65 10.17
N ARG A 276 -12.86 12.37 10.92
CA ARG A 276 -12.71 11.95 12.31
C ARG A 276 -12.00 10.62 12.43
N ILE A 277 -12.03 9.78 11.40
CA ILE A 277 -11.21 8.57 11.41
C ILE A 277 -9.74 8.93 11.22
N MET A 278 -9.44 9.82 10.28
CA MET A 278 -8.05 10.26 10.07
C MET A 278 -7.45 10.77 11.37
N THR A 279 -8.19 11.62 12.08
CA THR A 279 -7.64 12.24 13.29
C THR A 279 -7.41 11.21 14.39
N GLN A 280 -8.27 10.19 14.48
N GLN A 280 -8.27 10.20 14.47
CA GLN A 280 -8.02 9.12 15.45
CA GLN A 280 -8.04 9.12 15.43
C GLN A 280 -6.79 8.32 15.06
C GLN A 280 -6.80 8.32 15.06
N CYS A 281 -6.56 8.13 13.76
CA CYS A 281 -5.34 7.45 13.32
C CYS A 281 -4.10 8.26 13.66
N TRP A 282 -4.22 9.60 13.70
CA TRP A 282 -3.08 10.47 13.92
C TRP A 282 -2.91 10.87 15.38
N GLN A 283 -3.46 10.10 16.32
CA GLN A 283 -3.22 10.40 17.73
C GLN A 283 -1.72 10.34 18.02
N HIS A 284 -1.25 11.27 18.86
CA HIS A 284 0.19 11.37 19.09
C HIS A 284 0.72 10.13 19.81
N GLN A 285 -0.02 9.63 20.80
CA GLN A 285 0.40 8.42 21.51
C GLN A 285 -0.12 7.20 20.76
N PRO A 286 0.76 6.27 20.35
CA PRO A 286 0.29 5.13 19.55
C PRO A 286 -0.87 4.37 20.19
N GLU A 287 -0.93 4.33 21.51
CA GLU A 287 -1.94 3.55 22.21
C GLU A 287 -3.22 4.33 22.45
N ASP A 288 -3.35 5.53 21.87
CA ASP A 288 -4.63 6.19 21.68
C ASP A 288 -5.13 6.04 20.25
N ARG A 289 -4.33 5.38 19.34
CA ARG A 289 -4.77 5.14 17.98
C ARG A 289 -5.56 3.83 17.90
N PRO A 290 -6.55 3.74 17.02
CA PRO A 290 -7.30 2.49 16.89
C PRO A 290 -6.51 1.43 16.14
N ASN A 291 -6.80 0.17 16.46
CA ASN A 291 -6.30 -0.93 15.66
C ASN A 291 -7.15 -1.02 14.38
N PHE A 292 -6.80 -1.96 13.51
CA PHE A 292 -7.44 -2.00 12.20
C PHE A 292 -8.82 -2.64 12.23
N ALA A 293 -9.13 -3.44 13.26
CA ALA A 293 -10.49 -3.92 13.42
C ALA A 293 -11.45 -2.76 13.68
N ILE A 294 -11.03 -1.79 14.50
CA ILE A 294 -11.89 -0.65 14.80
C ILE A 294 -11.97 0.28 13.59
N ILE A 295 -10.87 0.43 12.85
CA ILE A 295 -10.90 1.29 11.66
C ILE A 295 -11.90 0.75 10.65
N LEU A 296 -11.84 -0.55 10.36
CA LEU A 296 -12.87 -1.18 9.54
C LEU A 296 -14.26 -0.86 10.08
N GLU A 297 -14.50 -1.20 11.35
CA GLU A 297 -15.79 -0.95 11.98
C GLU A 297 -16.27 0.46 11.69
N ARG A 298 -15.39 1.44 11.81
CA ARG A 298 -15.77 2.83 11.60
C ARG A 298 -15.91 3.18 10.12
N ILE A 299 -15.13 2.54 9.24
CA ILE A 299 -15.33 2.75 7.81
C ILE A 299 -16.68 2.19 7.38
N GLU A 300 -17.04 1.01 7.90
CA GLU A 300 -18.33 0.42 7.55
CA GLU A 300 -18.33 0.43 7.56
C GLU A 300 -19.48 1.29 8.06
N TYR A 301 -19.32 1.88 9.24
CA TYR A 301 -20.34 2.81 9.73
C TYR A 301 -20.44 4.03 8.81
N CYS A 302 -19.34 4.41 8.16
CA CYS A 302 -19.37 5.54 7.25
C CYS A 302 -20.13 5.20 5.96
N THR A 303 -19.96 3.97 5.47
CA THR A 303 -20.73 3.53 4.31
C THR A 303 -22.21 3.42 4.60
N GLN A 304 -22.59 3.40 5.89
CA GLN A 304 -23.98 3.27 6.31
C GLN A 304 -24.64 4.62 6.58
N ASP A 305 -23.93 5.72 6.40
CA ASP A 305 -24.51 7.04 6.66
C ASP A 305 -24.87 7.70 5.35
N PRO A 306 -26.16 7.86 5.03
CA PRO A 306 -26.51 8.59 3.79
C PRO A 306 -25.86 9.95 3.69
N ASP A 307 -25.86 10.73 4.78
CA ASP A 307 -25.23 12.04 4.76
C ASP A 307 -23.76 11.97 4.37
N VAL A 308 -23.12 10.81 4.53
CA VAL A 308 -21.74 10.64 4.11
C VAL A 308 -21.67 10.30 2.63
N ILE A 309 -22.32 9.20 2.23
CA ILE A 309 -22.14 8.67 0.88
C ILE A 309 -22.92 9.45 -0.17
N ASN A 310 -23.77 10.40 0.22
CA ASN A 310 -24.41 11.31 -0.71
C ASN A 310 -23.67 12.64 -0.83
N THR A 311 -22.50 12.75 -0.20
CA THR A 311 -21.69 13.96 -0.32
C THR A 311 -21.02 13.99 -1.69
N ALA A 312 -21.12 15.13 -2.37
CA ALA A 312 -20.56 15.26 -3.70
C ALA A 312 -19.06 15.47 -3.64
N LEU A 313 -18.34 14.83 -4.56
CA LEU A 313 -16.91 15.08 -4.70
C LEU A 313 -16.67 16.37 -5.46
N PRO A 314 -15.58 17.07 -5.15
CA PRO A 314 -15.28 18.31 -5.89
C PRO A 314 -14.74 18.01 -7.28
N ILE A 315 -14.99 18.94 -8.19
CA ILE A 315 -14.61 18.78 -9.58
C ILE A 315 -13.23 19.37 -9.82
#